data_3RQ2
#
_entry.id   3RQ2
#
_cell.length_a   91.930
_cell.length_b   91.930
_cell.length_c   169.626
_cell.angle_alpha   90.000
_cell.angle_beta   90.000
_cell.angle_gamma   90.000
#
_symmetry.space_group_name_H-M   'I 4 2 2'
#
loop_
_entity.id
_entity.type
_entity.pdbx_description
1 polymer 'ADP/ATP-dependent NAD(P)H-hydrate dehydratase'
2 non-polymer 'MAGNESIUM ION'
3 non-polymer 'ADENOSINE MONOPHOSPHATE'
4 non-polymer 'BETA-6-HYDROXY-1,4,5,6-TETRHYDRONICOTINAMIDE ADENINE DINUCLEOTIDE'
5 water water
#
_entity_poly.entity_id   1
_entity_poly.type   'polypeptide(L)'
_entity_poly.pdbx_seq_one_letter_code
;SNAMNVPFWTEEHVRATLPERDAESHKGTYGTALLLAGSDDMPGAALLAGLGAMRSGLGKLVIGTSENVIPLIVPVLPEA
TYWRDGWKKAADAQLEETYRAIAIGPGLPQTESVQQAVDHVLTADCPVILDAGALAKRTYPKREGPVILTPHPGEFFRMT
GVPVNELQKKRAEYAKEWAAQLQTVIVLKGNQTVIAFPDGDCWLNPTGNGALAKGGTGDTLTGMILGMLCCHEDPKHAVL
NAVYLHGACAELWTDEHSAHTLLAHELSDILPRVWKRFE
;
_entity_poly.pdbx_strand_id   A
#
loop_
_chem_comp.id
_chem_comp.type
_chem_comp.name
_chem_comp.formula
AMP non-polymer 'ADENOSINE MONOPHOSPHATE' 'C10 H14 N5 O7 P'
MG non-polymer 'MAGNESIUM ION' 'Mg 2'
NAX non-polymer 'BETA-6-HYDROXY-1,4,5,6-TETRHYDRONICOTINAMIDE ADENINE DINUCLEOTIDE' 'C21 H31 N7 O15 P2'
#
# COMPACT_ATOMS: atom_id res chain seq x y z
N ALA A 3 22.98 8.36 10.19
CA ALA A 3 23.34 9.77 10.56
C ALA A 3 22.22 10.38 11.39
N MET A 4 21.02 10.41 10.82
CA MET A 4 19.84 10.61 11.65
C MET A 4 19.75 9.28 12.41
N ASN A 5 19.19 9.36 13.61
CA ASN A 5 18.88 8.18 14.41
C ASN A 5 17.39 7.93 14.32
N VAL A 6 16.93 7.52 13.16
CA VAL A 6 15.53 7.24 12.99
C VAL A 6 15.27 5.90 13.70
N PRO A 7 14.26 5.84 14.58
CA PRO A 7 14.02 4.60 15.31
C PRO A 7 13.36 3.54 14.44
N PHE A 8 13.55 2.27 14.79
CA PHE A 8 12.85 1.17 14.11
C PHE A 8 11.47 1.00 14.70
N TRP A 9 10.48 0.72 13.85
CA TRP A 9 9.21 0.23 14.35
C TRP A 9 9.36 -1.24 14.72
N THR A 10 9.30 -1.55 16.02
CA THR A 10 9.72 -2.86 16.51
C THR A 10 8.54 -3.80 16.75
N GLU A 11 8.87 -5.06 16.98
CA GLU A 11 7.89 -6.05 17.39
C GLU A 11 6.97 -5.53 18.51
N GLU A 12 7.57 -4.88 19.51
CA GLU A 12 6.82 -4.33 20.64
C GLU A 12 5.79 -3.26 20.19
N HIS A 13 6.18 -2.39 19.26
CA HIS A 13 5.26 -1.38 18.69
C HIS A 13 4.10 -2.05 17.90
N VAL A 14 4.42 -3.06 17.12
CA VAL A 14 3.41 -3.84 16.38
C VAL A 14 2.41 -4.49 17.34
N ARG A 15 2.91 -5.17 18.38
CA ARG A 15 2.05 -5.84 19.34
C ARG A 15 1.14 -4.90 20.06
N ALA A 16 1.67 -3.72 20.42
CA ALA A 16 0.91 -2.71 21.11
C ALA A 16 -0.18 -2.04 20.28
N THR A 17 -0.09 -2.10 18.94
CA THR A 17 -0.95 -1.33 18.06
C THR A 17 -1.88 -2.10 17.14
N LEU A 18 -1.67 -3.41 17.00
CA LEU A 18 -2.57 -4.18 16.12
C LEU A 18 -3.96 -4.23 16.75
N PRO A 19 -5.01 -4.14 15.91
CA PRO A 19 -6.36 -4.03 16.41
C PRO A 19 -6.94 -5.37 16.81
N GLU A 20 -7.98 -5.31 17.62
CA GLU A 20 -8.85 -6.48 17.88
C GLU A 20 -9.93 -6.61 16.83
N ARG A 21 -10.47 -7.79 16.72
CA ARG A 21 -11.61 -7.98 15.85
C ARG A 21 -12.76 -8.44 16.71
N ASP A 22 -13.60 -7.51 17.18
CA ASP A 22 -14.55 -7.89 18.24
C ASP A 22 -15.62 -8.86 17.79
N ALA A 23 -16.02 -9.69 18.77
CA ALA A 23 -17.16 -10.59 18.67
C ALA A 23 -18.40 -9.87 18.16
N GLU A 24 -18.62 -8.64 18.62
CA GLU A 24 -19.79 -7.86 18.20
C GLU A 24 -19.47 -6.90 17.04
N SER A 25 -19.07 -7.44 15.91
CA SER A 25 -18.72 -6.65 14.72
C SER A 25 -19.25 -7.38 13.49
N HIS A 26 -19.42 -6.66 12.40
CA HIS A 26 -19.75 -7.24 11.12
C HIS A 26 -18.87 -6.63 10.05
N LYS A 27 -18.99 -7.09 8.81
CA LYS A 27 -18.08 -6.58 7.78
C LYS A 27 -18.11 -5.04 7.69
N GLY A 28 -19.27 -4.42 7.97
CA GLY A 28 -19.39 -2.94 7.87
C GLY A 28 -18.55 -2.21 8.90
N THR A 29 -18.34 -2.85 10.05
CA THR A 29 -17.44 -2.33 11.09
C THR A 29 -16.05 -2.04 10.52
N TYR A 30 -15.61 -2.91 9.63
CA TYR A 30 -14.23 -2.84 9.07
C TYR A 30 -14.20 -2.18 7.71
N GLY A 31 -15.32 -1.67 7.26
CA GLY A 31 -15.39 -0.83 6.07
C GLY A 31 -15.29 -1.50 4.70
N THR A 32 -15.61 -0.72 3.67
CA THR A 32 -15.42 -1.09 2.25
C THR A 32 -14.28 -0.28 1.69
N ALA A 33 -13.26 -0.95 1.21
CA ALA A 33 -12.13 -0.32 0.54
C ALA A 33 -12.35 -0.33 -0.98
N LEU A 34 -11.68 0.59 -1.67
CA LEU A 34 -11.62 0.59 -3.10
C LEU A 34 -10.19 0.47 -3.56
N LEU A 35 -9.95 -0.46 -4.48
CA LEU A 35 -8.64 -0.63 -5.14
C LEU A 35 -8.78 -0.34 -6.65
N LEU A 36 -8.02 0.64 -7.13
CA LEU A 36 -7.99 1.01 -8.54
C LEU A 36 -6.64 0.55 -9.07
N ALA A 37 -6.64 -0.56 -9.80
CA ALA A 37 -5.41 -1.29 -10.11
C ALA A 37 -5.64 -2.24 -11.28
N GLY A 38 -4.57 -2.62 -11.99
CA GLY A 38 -4.61 -3.64 -13.03
C GLY A 38 -4.93 -3.07 -14.38
N SER A 39 -4.13 -3.41 -15.39
CA SER A 39 -4.44 -2.99 -16.76
C SER A 39 -4.15 -4.17 -17.69
N ASP A 40 -4.44 -4.04 -18.97
CA ASP A 40 -4.44 -5.23 -19.83
C ASP A 40 -3.11 -6.00 -19.89
N ASP A 41 -1.96 -5.31 -19.93
CA ASP A 41 -0.65 -6.02 -19.93
C ASP A 41 0.03 -6.13 -18.55
N MET A 42 -0.59 -5.55 -17.52
CA MET A 42 -0.16 -5.69 -16.11
C MET A 42 -1.37 -6.04 -15.22
N PRO A 43 -2.08 -7.18 -15.53
CA PRO A 43 -3.32 -7.50 -14.80
C PRO A 43 -3.05 -8.00 -13.42
N GLY A 44 -1.90 -8.66 -13.25
CA GLY A 44 -1.61 -9.40 -12.03
C GLY A 44 -1.48 -8.54 -10.81
N ALA A 45 -1.00 -7.31 -11.00
CA ALA A 45 -0.89 -6.37 -9.91
C ALA A 45 -2.21 -6.12 -9.18
N ALA A 46 -3.32 -6.19 -9.90
CA ALA A 46 -4.64 -6.06 -9.24
C ALA A 46 -4.93 -7.26 -8.35
N LEU A 47 -4.59 -8.51 -8.79
CA LEU A 47 -4.79 -9.68 -7.95
C LEU A 47 -3.90 -9.61 -6.73
N LEU A 48 -2.64 -9.23 -6.94
CA LEU A 48 -1.69 -9.15 -5.85
C LEU A 48 -2.13 -8.18 -4.74
N ALA A 49 -2.52 -6.98 -5.16
CA ALA A 49 -2.96 -5.96 -4.25
C ALA A 49 -4.31 -6.33 -3.64
N GLY A 50 -5.20 -6.95 -4.43
CA GLY A 50 -6.50 -7.42 -3.91
C GLY A 50 -6.37 -8.42 -2.76
N LEU A 51 -5.52 -9.43 -2.97
CA LEU A 51 -5.26 -10.46 -1.97
C LEU A 51 -4.63 -9.81 -0.75
N GLY A 52 -3.65 -8.95 -0.97
CA GLY A 52 -3.05 -8.17 0.13
C GLY A 52 -4.09 -7.46 1.00
N ALA A 53 -5.01 -6.78 0.35
CA ALA A 53 -6.03 -5.97 1.03
C ALA A 53 -7.03 -6.88 1.78
N MET A 54 -7.56 -7.94 1.14
CA MET A 54 -8.63 -8.75 1.76
C MET A 54 -8.04 -9.56 2.90
N ARG A 55 -6.77 -9.88 2.76
CA ARG A 55 -6.05 -10.55 3.87
C ARG A 55 -5.83 -9.65 5.05
N SER A 56 -5.94 -8.33 4.87
CA SER A 56 -5.47 -7.42 5.89
C SER A 56 -6.55 -6.70 6.74
N GLY A 57 -7.67 -7.37 6.96
CA GLY A 57 -8.63 -6.95 7.95
C GLY A 57 -9.69 -5.92 7.54
N LEU A 58 -9.86 -5.67 6.25
CA LEU A 58 -11.00 -4.85 5.81
C LEU A 58 -12.31 -5.63 5.94
N GLY A 59 -13.42 -4.98 5.63
CA GLY A 59 -14.72 -5.63 5.61
C GLY A 59 -15.07 -6.10 4.21
N LYS A 60 -15.11 -5.17 3.27
CA LYS A 60 -15.38 -5.53 1.88
C LYS A 60 -14.31 -4.85 0.99
N LEU A 61 -14.13 -5.38 -0.22
CA LEU A 61 -13.21 -4.77 -1.22
C LEU A 61 -13.94 -4.70 -2.56
N VAL A 62 -13.96 -3.51 -3.12
CA VAL A 62 -14.38 -3.28 -4.49
C VAL A 62 -13.11 -3.02 -5.30
N ILE A 63 -12.98 -3.73 -6.42
CA ILE A 63 -11.81 -3.58 -7.29
C ILE A 63 -12.33 -2.88 -8.58
N GLY A 64 -11.83 -1.69 -8.83
CA GLY A 64 -12.10 -0.90 -10.05
C GLY A 64 -10.98 -1.20 -11.04
N THR A 65 -11.25 -2.07 -11.99
CA THR A 65 -10.24 -2.49 -12.99
C THR A 65 -10.92 -2.72 -14.33
N SER A 66 -10.11 -2.87 -15.37
CA SER A 66 -10.64 -3.05 -16.69
C SER A 66 -11.41 -4.35 -16.79
N GLU A 67 -12.39 -4.39 -17.70
CA GLU A 67 -13.15 -5.56 -18.02
C GLU A 67 -12.36 -6.81 -18.26
N ASN A 68 -11.21 -6.69 -18.88
CA ASN A 68 -10.42 -7.89 -19.23
C ASN A 68 -9.69 -8.45 -18.00
N VAL A 69 -9.53 -7.63 -16.97
CA VAL A 69 -8.77 -8.04 -15.79
C VAL A 69 -9.67 -8.75 -14.76
N ILE A 70 -10.91 -8.30 -14.66
CA ILE A 70 -11.87 -8.86 -13.72
C ILE A 70 -11.88 -10.42 -13.68
N PRO A 71 -12.02 -11.08 -14.82
CA PRO A 71 -12.10 -12.54 -14.78
C PRO A 71 -10.84 -13.27 -14.25
N LEU A 72 -9.71 -12.58 -14.27
CA LEU A 72 -8.44 -13.15 -13.89
C LEU A 72 -8.28 -13.14 -12.36
N ILE A 73 -9.08 -12.29 -11.68
CA ILE A 73 -9.02 -12.15 -10.25
C ILE A 73 -9.99 -13.10 -9.52
N VAL A 74 -11.18 -13.21 -10.08
CA VAL A 74 -12.34 -13.85 -9.42
C VAL A 74 -12.07 -15.30 -8.90
N PRO A 75 -11.44 -16.18 -9.70
CA PRO A 75 -11.24 -17.59 -9.21
C PRO A 75 -10.30 -17.65 -8.03
N VAL A 76 -9.39 -16.68 -7.88
CA VAL A 76 -8.38 -16.70 -6.81
C VAL A 76 -8.85 -15.90 -5.59
N LEU A 77 -9.55 -14.80 -5.87
CA LEU A 77 -10.09 -13.91 -4.86
C LEU A 77 -11.63 -13.70 -5.12
N PRO A 78 -12.44 -14.75 -4.91
CA PRO A 78 -13.87 -14.62 -5.12
C PRO A 78 -14.59 -13.67 -4.17
N GLU A 79 -13.93 -13.21 -3.12
CA GLU A 79 -14.56 -12.37 -2.12
C GLU A 79 -14.70 -10.90 -2.51
N ALA A 80 -13.92 -10.46 -3.47
CA ALA A 80 -13.98 -9.06 -4.01
C ALA A 80 -15.14 -8.88 -4.96
N THR A 81 -15.66 -7.67 -4.99
CA THR A 81 -16.63 -7.25 -6.05
C THR A 81 -16.01 -6.18 -6.91
N TYR A 82 -16.74 -5.71 -7.94
CA TYR A 82 -16.07 -4.95 -9.02
C TYR A 82 -16.82 -3.65 -9.33
N TRP A 83 -16.03 -2.63 -9.66
CA TRP A 83 -16.46 -1.44 -10.35
C TRP A 83 -15.83 -1.52 -11.75
N ARG A 84 -16.66 -1.91 -12.70
CA ARG A 84 -16.20 -2.29 -14.02
C ARG A 84 -15.59 -1.06 -14.70
N ASP A 85 -14.34 -1.23 -15.16
CA ASP A 85 -13.56 -0.13 -15.74
CA ASP A 85 -13.58 -0.12 -15.74
C ASP A 85 -13.47 1.05 -14.76
N GLY A 86 -13.41 0.72 -13.46
CA GLY A 86 -13.42 1.71 -12.41
C GLY A 86 -12.35 2.78 -12.43
N TRP A 87 -11.10 2.42 -12.77
CA TRP A 87 -10.02 3.41 -12.71
C TRP A 87 -10.15 4.41 -13.87
N LYS A 88 -10.67 3.97 -14.99
CA LYS A 88 -10.96 4.88 -16.11
C LYS A 88 -12.19 5.75 -15.76
N LYS A 89 -13.23 5.16 -15.16
CA LYS A 89 -14.43 5.91 -14.80
C LYS A 89 -14.13 6.95 -13.72
N ALA A 90 -13.15 6.69 -12.83
CA ALA A 90 -12.79 7.63 -11.76
C ALA A 90 -12.19 8.91 -12.34
N ALA A 91 -11.65 8.85 -13.54
CA ALA A 91 -11.15 10.05 -14.19
C ALA A 91 -12.26 11.04 -14.54
N ASP A 92 -13.50 10.57 -14.69
CA ASP A 92 -14.60 11.44 -15.10
C ASP A 92 -15.40 12.14 -14.02
N ALA A 93 -15.41 11.67 -12.78
CA ALA A 93 -16.21 12.39 -11.79
C ALA A 93 -15.83 11.98 -10.39
N GLN A 94 -16.22 12.82 -9.43
CA GLN A 94 -16.07 12.49 -8.02
C GLN A 94 -16.79 11.18 -7.78
N LEU A 95 -16.25 10.39 -6.87
CA LEU A 95 -16.88 9.16 -6.46
C LEU A 95 -18.20 9.45 -5.77
N GLU A 96 -19.24 8.74 -6.20
CA GLU A 96 -20.58 8.88 -5.61
C GLU A 96 -20.64 7.99 -4.37
N GLU A 97 -19.85 6.92 -4.34
CA GLU A 97 -19.86 5.98 -3.23
C GLU A 97 -18.81 6.41 -2.21
N THR A 98 -19.00 5.98 -0.96
CA THR A 98 -18.15 6.30 0.17
C THR A 98 -17.32 5.08 0.50
N TYR A 99 -16.03 5.29 0.71
CA TYR A 99 -15.10 4.17 0.99
C TYR A 99 -14.34 4.50 2.27
N ARG A 100 -13.94 3.45 2.98
CA ARG A 100 -13.14 3.62 4.20
C ARG A 100 -11.70 4.01 3.91
N ALA A 101 -11.22 3.58 2.74
CA ALA A 101 -9.87 3.88 2.25
C ALA A 101 -9.84 3.52 0.79
N ILE A 102 -8.91 4.13 0.07
CA ILE A 102 -8.77 3.94 -1.37
C ILE A 102 -7.29 3.79 -1.73
N ALA A 103 -6.95 2.84 -2.60
CA ALA A 103 -5.61 2.79 -3.21
C ALA A 103 -5.71 2.87 -4.73
N ILE A 104 -4.71 3.51 -5.35
CA ILE A 104 -4.65 3.63 -6.78
C ILE A 104 -3.22 3.45 -7.29
N GLY A 105 -3.08 2.71 -8.40
CA GLY A 105 -1.82 2.72 -9.15
C GLY A 105 -1.15 1.42 -9.56
N PRO A 106 -1.25 0.35 -8.72
CA PRO A 106 -0.49 -0.85 -9.13
C PRO A 106 -0.95 -1.38 -10.47
N GLY A 107 -0.02 -1.61 -11.36
CA GLY A 107 -0.31 -2.04 -12.72
C GLY A 107 -1.07 -1.05 -13.59
N LEU A 108 -1.17 0.22 -13.19
CA LEU A 108 -1.78 1.25 -14.06
C LEU A 108 -0.68 1.98 -14.86
N PRO A 109 -0.96 2.33 -16.14
CA PRO A 109 -0.02 3.11 -16.94
C PRO A 109 0.19 4.47 -16.29
N GLN A 110 1.39 5.01 -16.41
CA GLN A 110 1.69 6.28 -15.75
C GLN A 110 1.24 7.40 -16.67
N THR A 111 -0.05 7.69 -16.64
CA THR A 111 -0.62 8.61 -17.61
C THR A 111 -1.40 9.77 -16.94
N GLU A 112 -1.72 10.76 -17.75
CA GLU A 112 -2.51 11.91 -17.29
C GLU A 112 -3.93 11.49 -16.90
N SER A 113 -4.49 10.49 -17.60
CA SER A 113 -5.82 9.97 -17.21
C SER A 113 -5.82 9.39 -15.80
N VAL A 114 -4.74 8.70 -15.44
CA VAL A 114 -4.56 8.19 -14.09
C VAL A 114 -4.46 9.35 -13.04
N GLN A 115 -3.73 10.41 -13.37
CA GLN A 115 -3.72 11.58 -12.51
C GLN A 115 -5.09 12.25 -12.34
N GLN A 116 -5.92 12.25 -13.39
CA GLN A 116 -7.27 12.74 -13.26
C GLN A 116 -8.08 11.93 -12.27
N ALA A 117 -7.90 10.60 -12.29
CA ALA A 117 -8.58 9.69 -11.41
C ALA A 117 -8.06 9.98 -9.95
N VAL A 118 -6.76 10.14 -9.82
CA VAL A 118 -6.14 10.60 -8.54
C VAL A 118 -6.80 11.88 -8.00
N ASP A 119 -7.00 12.89 -8.86
CA ASP A 119 -7.57 14.15 -8.42
C ASP A 119 -9.01 13.96 -7.93
N HIS A 120 -9.80 13.11 -8.61
CA HIS A 120 -11.14 12.82 -8.16
C HIS A 120 -11.16 12.04 -6.85
N VAL A 121 -10.30 11.04 -6.71
CA VAL A 121 -10.23 10.23 -5.48
C VAL A 121 -9.87 11.10 -4.26
N LEU A 122 -8.99 12.06 -4.46
CA LEU A 122 -8.59 12.98 -3.38
C LEU A 122 -9.68 13.87 -2.81
N THR A 123 -10.77 14.07 -3.54
CA THR A 123 -11.92 14.80 -3.01
C THR A 123 -12.75 13.97 -2.01
N ALA A 124 -12.55 12.66 -1.95
CA ALA A 124 -13.19 11.83 -0.89
C ALA A 124 -12.56 12.13 0.48
N ASP A 125 -13.31 11.86 1.54
CA ASP A 125 -12.81 11.98 2.91
C ASP A 125 -12.45 10.57 3.38
N CYS A 126 -11.27 10.13 3.00
CA CYS A 126 -10.73 8.91 3.55
C CYS A 126 -9.25 8.92 3.24
N PRO A 127 -8.46 8.10 3.93
CA PRO A 127 -7.08 7.89 3.51
C PRO A 127 -6.96 7.34 2.08
N VAL A 128 -5.93 7.79 1.36
CA VAL A 128 -5.71 7.39 -0.02
C VAL A 128 -4.24 7.00 -0.18
N ILE A 129 -4.01 5.84 -0.79
CA ILE A 129 -2.68 5.40 -1.13
C ILE A 129 -2.46 5.61 -2.63
N LEU A 130 -1.29 6.13 -2.99
CA LEU A 130 -0.88 6.29 -4.38
C LEU A 130 0.42 5.51 -4.54
N ASP A 131 0.43 4.60 -5.52
CA ASP A 131 1.57 3.74 -5.82
C ASP A 131 1.82 3.68 -7.31
N ALA A 132 3.02 3.24 -7.68
CA ALA A 132 3.29 2.81 -9.03
C ALA A 132 2.84 3.82 -10.12
N GLY A 133 1.91 3.41 -10.98
CA GLY A 133 1.45 4.29 -12.09
C GLY A 133 0.78 5.61 -11.68
N ALA A 134 0.31 5.67 -10.42
CA ALA A 134 -0.29 6.88 -9.86
C ALA A 134 0.73 7.82 -9.25
N LEU A 135 1.99 7.39 -9.14
CA LEU A 135 3.08 8.28 -8.68
C LEU A 135 3.69 9.16 -9.80
N ALA A 136 3.70 10.48 -9.56
CA ALA A 136 4.21 11.44 -10.52
C ALA A 136 4.74 12.64 -9.76
N LYS A 137 5.45 13.52 -10.45
CA LYS A 137 5.85 14.82 -9.89
C LYS A 137 4.64 15.74 -9.85
N ARG A 138 4.21 16.05 -8.62
CA ARG A 138 3.02 16.85 -8.43
C ARG A 138 2.93 17.39 -7.00
N THR A 139 1.87 18.16 -6.74
CA THR A 139 1.50 18.57 -5.40
C THR A 139 0.08 18.08 -5.08
N TYR A 140 -0.31 18.24 -3.82
CA TYR A 140 -1.49 17.59 -3.23
C TYR A 140 -2.33 18.65 -2.52
N PRO A 141 -3.65 18.63 -2.73
CA PRO A 141 -4.55 19.58 -2.11
C PRO A 141 -4.71 19.33 -0.60
N LYS A 142 -4.90 20.38 0.17
CA LYS A 142 -5.24 20.21 1.57
C LYS A 142 -6.53 19.42 1.64
N ARG A 143 -6.56 18.37 2.45
CA ARG A 143 -7.75 17.54 2.60
C ARG A 143 -7.66 16.92 3.99
N GLU A 144 -8.72 16.27 4.44
CA GLU A 144 -8.75 15.71 5.80
C GLU A 144 -7.89 14.43 5.97
N GLY A 145 -8.12 13.45 5.11
CA GLY A 145 -7.49 12.16 5.26
C GLY A 145 -6.05 12.17 4.74
N PRO A 146 -5.22 11.29 5.29
CA PRO A 146 -3.84 11.20 4.84
C PRO A 146 -3.70 10.72 3.38
N VAL A 147 -2.66 11.21 2.72
CA VAL A 147 -2.23 10.71 1.43
C VAL A 147 -0.95 9.98 1.67
N ILE A 148 -0.90 8.74 1.20
CA ILE A 148 0.22 7.84 1.45
C ILE A 148 0.87 7.44 0.13
N LEU A 149 2.11 7.85 -0.08
CA LEU A 149 2.84 7.57 -1.34
C LEU A 149 3.79 6.42 -1.06
N THR A 150 3.85 5.44 -1.96
CA THR A 150 4.68 4.24 -1.69
C THR A 150 5.77 4.02 -2.75
N PRO A 151 6.64 5.00 -2.94
CA PRO A 151 7.64 4.85 -4.00
C PRO A 151 8.82 3.92 -3.62
N HIS A 152 9.26 3.12 -4.58
CA HIS A 152 10.63 2.65 -4.53
C HIS A 152 11.55 3.77 -5.01
N PRO A 153 12.87 3.59 -4.89
CA PRO A 153 13.78 4.70 -5.20
C PRO A 153 13.64 5.28 -6.62
N GLY A 154 13.32 4.44 -7.60
CA GLY A 154 13.05 4.92 -8.97
C GLY A 154 11.84 5.83 -9.05
N GLU A 155 10.78 5.48 -8.34
CA GLU A 155 9.58 6.29 -8.35
C GLU A 155 9.82 7.60 -7.59
N PHE A 156 10.64 7.52 -6.54
CA PHE A 156 10.99 8.73 -5.79
C PHE A 156 11.73 9.70 -6.68
N PHE A 157 12.66 9.20 -7.50
CA PHE A 157 13.36 10.04 -8.49
C PHE A 157 12.34 10.70 -9.44
N ARG A 158 11.39 9.93 -9.91
CA ARG A 158 10.33 10.47 -10.79
C ARG A 158 9.55 11.60 -10.09
N MET A 159 9.25 11.43 -8.80
CA MET A 159 8.48 12.39 -8.02
C MET A 159 9.22 13.69 -7.68
N THR A 160 10.54 13.61 -7.53
CA THR A 160 11.32 14.67 -6.86
C THR A 160 12.47 15.21 -7.70
N GLY A 161 12.95 14.42 -8.66
CA GLY A 161 14.19 14.76 -9.38
C GLY A 161 15.47 14.41 -8.63
N VAL A 162 15.37 13.84 -7.43
CA VAL A 162 16.58 13.42 -6.69
C VAL A 162 17.07 12.14 -7.34
N PRO A 163 18.26 12.16 -7.97
CA PRO A 163 18.77 10.91 -8.55
C PRO A 163 18.90 9.74 -7.57
N VAL A 164 18.66 8.52 -8.06
CA VAL A 164 18.69 7.34 -7.22
C VAL A 164 20.00 7.15 -6.46
N ASN A 165 21.13 7.31 -7.14
CA ASN A 165 22.44 7.20 -6.49
C ASN A 165 22.63 8.15 -5.28
N GLU A 166 22.07 9.35 -5.38
CA GLU A 166 22.15 10.32 -4.31
CA GLU A 166 22.17 10.32 -4.28
C GLU A 166 21.12 10.02 -3.22
N LEU A 167 19.91 9.70 -3.65
CA LEU A 167 18.85 9.32 -2.72
C LEU A 167 19.32 8.24 -1.75
N GLN A 168 19.96 7.21 -2.30
CA GLN A 168 20.26 6.00 -1.55
C GLN A 168 21.33 6.23 -0.51
N LYS A 169 22.07 7.33 -0.61
CA LYS A 169 23.06 7.73 0.44
C LYS A 169 22.43 8.40 1.65
N LYS A 170 21.24 8.96 1.49
CA LYS A 170 20.62 9.75 2.55
C LYS A 170 19.10 9.48 2.53
N ARG A 171 18.70 8.20 2.59
CA ARG A 171 17.31 7.84 2.39
C ARG A 171 16.32 8.54 3.32
N ALA A 172 16.59 8.49 4.62
CA ALA A 172 15.62 9.02 5.57
C ALA A 172 15.56 10.55 5.50
N GLU A 173 16.70 11.17 5.20
CA GLU A 173 16.78 12.62 5.10
C GLU A 173 15.90 13.11 3.94
N TYR A 174 16.05 12.47 2.79
CA TYR A 174 15.21 12.82 1.62
C TYR A 174 13.76 12.49 1.83
N ALA A 175 13.46 11.32 2.39
CA ALA A 175 12.10 10.92 2.64
C ALA A 175 11.39 11.91 3.59
N LYS A 176 12.06 12.29 4.67
CA LYS A 176 11.49 13.29 5.61
C LYS A 176 11.25 14.62 4.95
N GLU A 177 12.26 15.06 4.22
CA GLU A 177 12.21 16.38 3.55
C GLU A 177 11.01 16.46 2.62
N TRP A 178 10.82 15.43 1.81
CA TRP A 178 9.73 15.41 0.82
C TRP A 178 8.35 15.12 1.40
N ALA A 179 8.28 14.32 2.48
CA ALA A 179 7.01 14.13 3.21
C ALA A 179 6.54 15.46 3.76
N ALA A 180 7.46 16.19 4.35
CA ALA A 180 7.15 17.54 4.82
C ALA A 180 6.75 18.52 3.70
N GLN A 181 7.54 18.61 2.66
CA GLN A 181 7.24 19.49 1.54
C GLN A 181 5.92 19.19 0.88
N LEU A 182 5.66 17.91 0.63
CA LEU A 182 4.46 17.50 -0.05
C LEU A 182 3.23 17.44 0.89
N GLN A 183 3.49 17.32 2.20
CA GLN A 183 2.45 17.02 3.22
C GLN A 183 1.72 15.71 2.89
N THR A 184 2.52 14.69 2.64
CA THR A 184 2.07 13.29 2.43
C THR A 184 2.92 12.40 3.25
N VAL A 185 2.41 11.20 3.58
CA VAL A 185 3.25 10.11 4.11
C VAL A 185 4.05 9.62 2.92
N ILE A 186 5.30 9.27 3.17
CA ILE A 186 6.12 8.59 2.18
C ILE A 186 6.66 7.34 2.76
N VAL A 187 6.29 6.21 2.15
CA VAL A 187 6.89 4.93 2.41
C VAL A 187 7.95 4.73 1.31
N LEU A 188 9.20 5.01 1.64
CA LEU A 188 10.32 4.92 0.69
C LEU A 188 10.90 3.52 0.82
N LYS A 189 10.59 2.69 -0.16
CA LYS A 189 10.87 1.25 -0.09
C LYS A 189 12.35 0.95 -0.33
N GLY A 190 12.70 -0.30 -0.01
CA GLY A 190 14.05 -0.80 -0.07
C GLY A 190 14.36 -1.53 1.24
N ASN A 191 15.54 -2.14 1.30
CA ASN A 191 16.08 -2.59 2.56
C ASN A 191 15.98 -1.39 3.53
N GLN A 192 15.55 -1.63 4.77
CA GLN A 192 15.28 -0.56 5.74
C GLN A 192 14.38 0.50 5.13
N THR A 193 13.18 0.06 4.76
CA THR A 193 12.14 0.99 4.28
C THR A 193 11.95 2.14 5.30
N VAL A 194 11.85 3.35 4.80
CA VAL A 194 11.61 4.55 5.59
C VAL A 194 10.15 4.88 5.54
N ILE A 195 9.53 5.06 6.71
CA ILE A 195 8.13 5.54 6.77
C ILE A 195 8.18 6.94 7.38
N ALA A 196 8.02 7.93 6.51
CA ALA A 196 8.12 9.35 6.86
C ALA A 196 6.73 10.01 6.85
N PHE A 197 6.35 10.63 7.97
CA PHE A 197 5.04 11.28 8.10
C PHE A 197 5.18 12.79 7.91
N PRO A 198 4.13 13.43 7.39
CA PRO A 198 4.26 14.87 7.12
C PRO A 198 4.29 15.73 8.37
N ASP A 199 3.97 15.15 9.53
CA ASP A 199 4.11 15.87 10.79
C ASP A 199 5.50 15.75 11.41
N GLY A 200 6.43 15.13 10.68
CA GLY A 200 7.80 14.96 11.13
C GLY A 200 8.17 13.63 11.80
N ASP A 201 7.18 12.82 12.19
CA ASP A 201 7.51 11.49 12.70
C ASP A 201 8.17 10.69 11.55
N CYS A 202 9.13 9.85 11.88
CA CYS A 202 9.78 9.01 10.92
C CYS A 202 10.29 7.75 11.58
N TRP A 203 10.16 6.63 10.87
CA TRP A 203 10.52 5.31 11.36
C TRP A 203 11.25 4.55 10.28
N LEU A 204 12.07 3.58 10.72
CA LEU A 204 12.61 2.58 9.81
C LEU A 204 11.97 1.22 10.06
N ASN A 205 11.82 0.47 8.98
CA ASN A 205 11.33 -0.89 9.08
C ASN A 205 12.45 -1.93 9.20
N PRO A 206 12.44 -2.77 10.27
CA PRO A 206 13.56 -3.69 10.48
C PRO A 206 13.35 -5.06 9.82
N THR A 207 12.23 -5.31 9.16
CA THR A 207 11.94 -6.67 8.67
C THR A 207 12.06 -6.74 7.12
N GLY A 208 12.14 -7.96 6.59
CA GLY A 208 12.28 -8.14 5.14
C GLY A 208 13.68 -8.58 4.76
N ASN A 209 13.75 -9.16 3.58
CA ASN A 209 14.99 -9.62 3.01
C ASN A 209 14.90 -9.71 1.49
N GLY A 210 15.97 -10.25 0.89
CA GLY A 210 16.07 -10.33 -0.55
C GLY A 210 15.03 -11.21 -1.25
N ALA A 211 14.27 -12.01 -0.50
CA ALA A 211 13.11 -12.75 -1.06
C ALA A 211 12.09 -11.78 -1.67
N LEU A 212 12.07 -10.54 -1.15
CA LEU A 212 11.16 -9.48 -1.64
C LEU A 212 11.60 -8.79 -2.92
N ALA A 213 12.84 -9.02 -3.33
CA ALA A 213 13.46 -8.35 -4.48
C ALA A 213 13.01 -9.04 -5.79
N LYS A 214 11.72 -8.95 -6.05
CA LYS A 214 11.10 -9.63 -7.19
C LYS A 214 9.76 -9.01 -7.47
N GLY A 215 9.41 -9.01 -8.74
CA GLY A 215 8.19 -8.38 -9.21
C GLY A 215 6.95 -8.75 -8.41
N GLY A 216 6.17 -7.71 -8.05
CA GLY A 216 4.89 -7.90 -7.44
C GLY A 216 4.83 -7.67 -5.95
N THR A 217 5.96 -7.72 -5.28
CA THR A 217 5.91 -7.59 -3.85
C THR A 217 5.44 -6.22 -3.37
N GLY A 218 5.77 -5.17 -4.10
CA GLY A 218 5.25 -3.85 -3.77
C GLY A 218 3.75 -3.70 -4.04
N ASP A 219 3.23 -4.44 -5.06
CA ASP A 219 1.81 -4.46 -5.35
C ASP A 219 1.03 -5.09 -4.20
N THR A 220 1.55 -6.21 -3.69
CA THR A 220 1.00 -6.83 -2.51
C THR A 220 1.03 -5.86 -1.28
N LEU A 221 2.15 -5.16 -1.08
CA LEU A 221 2.27 -4.20 0.03
C LEU A 221 1.17 -3.12 -0.02
N THR A 222 0.93 -2.58 -1.21
CA THR A 222 -0.08 -1.54 -1.35
C THR A 222 -1.45 -2.04 -0.88
N GLY A 223 -1.78 -3.27 -1.25
CA GLY A 223 -2.95 -3.89 -0.74
C GLY A 223 -2.97 -4.09 0.76
N MET A 224 -1.88 -4.55 1.34
CA MET A 224 -1.80 -4.71 2.78
C MET A 224 -2.04 -3.40 3.56
N ILE A 225 -1.42 -2.33 3.08
CA ILE A 225 -1.67 -1.01 3.67
C ILE A 225 -3.17 -0.63 3.56
N LEU A 226 -3.77 -0.85 2.37
CA LEU A 226 -5.19 -0.57 2.13
C LEU A 226 -6.10 -1.29 3.18
N GLY A 227 -5.91 -2.60 3.36
CA GLY A 227 -6.68 -3.34 4.33
C GLY A 227 -6.43 -2.84 5.75
N MET A 228 -5.16 -2.66 6.12
CA MET A 228 -4.86 -2.25 7.49
C MET A 228 -5.42 -0.88 7.86
N LEU A 229 -5.54 0.02 6.88
CA LEU A 229 -6.14 1.33 7.11
C LEU A 229 -7.59 1.18 7.50
N CYS A 230 -8.22 0.05 7.12
CA CYS A 230 -9.65 -0.19 7.44
C CYS A 230 -9.90 -0.75 8.85
N CYS A 231 -8.91 -1.38 9.46
CA CYS A 231 -9.13 -2.02 10.77
C CYS A 231 -8.32 -1.39 11.87
N HIS A 232 -7.38 -0.49 11.53
CA HIS A 232 -6.69 0.33 12.54
C HIS A 232 -7.37 1.69 12.77
N GLU A 233 -7.55 2.06 14.01
CA GLU A 233 -8.09 3.39 14.32
C GLU A 233 -7.12 4.49 13.91
N ASP A 234 -5.81 4.26 14.08
CA ASP A 234 -4.80 5.26 13.75
C ASP A 234 -4.10 4.88 12.42
N PRO A 235 -4.29 5.69 11.35
CA PRO A 235 -3.78 5.30 10.06
C PRO A 235 -2.26 5.25 10.04
N LYS A 236 -1.61 5.91 10.98
CA LYS A 236 -0.13 5.76 11.08
C LYS A 236 0.27 4.32 11.42
N HIS A 237 -0.44 3.74 12.37
CA HIS A 237 -0.17 2.37 12.79
C HIS A 237 -0.50 1.41 11.66
N ALA A 238 -1.53 1.70 10.85
CA ALA A 238 -1.83 0.83 9.73
C ALA A 238 -0.64 0.73 8.78
N VAL A 239 -0.09 1.89 8.40
CA VAL A 239 1.03 1.94 7.47
C VAL A 239 2.25 1.20 8.07
N LEU A 240 2.60 1.56 9.29
CA LEU A 240 3.76 0.94 9.97
C LEU A 240 3.63 -0.58 10.09
N ASN A 241 2.47 -1.04 10.55
CA ASN A 241 2.24 -2.49 10.71
C ASN A 241 2.20 -3.27 9.38
N ALA A 242 1.71 -2.62 8.32
CA ALA A 242 1.64 -3.29 7.02
C ALA A 242 3.07 -3.49 6.50
N VAL A 243 3.89 -2.46 6.57
CA VAL A 243 5.27 -2.56 6.10
C VAL A 243 6.05 -3.62 6.91
N TYR A 244 5.83 -3.61 8.22
CA TYR A 244 6.50 -4.55 9.13
C TYR A 244 6.10 -5.99 8.84
N LEU A 245 4.80 -6.21 8.81
CA LEU A 245 4.28 -7.58 8.63
C LEU A 245 4.62 -8.10 7.19
N HIS A 246 4.56 -7.23 6.19
CA HIS A 246 5.00 -7.56 4.85
C HIS A 246 6.41 -8.16 4.85
N GLY A 247 7.32 -7.52 5.58
CA GLY A 247 8.71 -7.95 5.63
C GLY A 247 8.82 -9.21 6.48
N ALA A 248 8.02 -9.28 7.54
CA ALA A 248 8.04 -10.47 8.40
C ALA A 248 7.63 -11.77 7.67
N CYS A 249 6.72 -11.66 6.71
CA CYS A 249 6.28 -12.81 5.94
C CYS A 249 7.44 -13.31 5.10
N ALA A 250 8.25 -12.39 4.56
CA ALA A 250 9.46 -12.81 3.81
C ALA A 250 10.49 -13.53 4.72
N GLU A 251 10.62 -13.07 5.96
CA GLU A 251 11.51 -13.75 6.96
C GLU A 251 10.99 -15.13 7.34
N LEU A 252 9.68 -15.31 7.50
CA LEU A 252 9.13 -16.66 7.75
C LEU A 252 9.44 -17.58 6.56
N TRP A 253 9.19 -17.11 5.33
CA TRP A 253 9.49 -17.89 4.14
C TRP A 253 10.90 -18.47 4.09
N THR A 254 11.88 -17.63 4.42
CA THR A 254 13.30 -18.04 4.34
C THR A 254 13.78 -18.98 5.41
N ASP A 255 12.96 -19.25 6.43
CA ASP A 255 13.34 -20.27 7.41
C ASP A 255 13.53 -21.65 6.73
N GLU A 256 12.63 -22.01 5.82
CA GLU A 256 12.61 -23.34 5.19
C GLU A 256 12.61 -23.32 3.63
N HIS A 257 12.60 -22.12 3.05
CA HIS A 257 12.59 -21.91 1.59
C HIS A 257 13.70 -20.96 1.14
N SER A 258 14.28 -21.19 -0.04
CA SER A 258 15.30 -20.25 -0.55
C SER A 258 14.74 -18.89 -0.83
N ALA A 259 15.48 -17.84 -0.44
CA ALA A 259 15.15 -16.46 -0.76
C ALA A 259 14.97 -16.17 -2.27
N HIS A 260 15.56 -16.98 -3.13
CA HIS A 260 15.42 -16.78 -4.59
C HIS A 260 14.05 -17.16 -5.16
N THR A 261 13.25 -17.89 -4.37
CA THR A 261 12.12 -18.65 -4.90
C THR A 261 10.74 -18.14 -4.44
N LEU A 262 10.65 -17.10 -3.61
CA LEU A 262 9.35 -16.59 -3.17
C LEU A 262 8.58 -15.97 -4.34
N LEU A 263 7.27 -16.17 -4.37
CA LEU A 263 6.39 -15.39 -5.32
C LEU A 263 5.52 -14.47 -4.49
N ALA A 264 5.29 -13.22 -4.97
CA ALA A 264 4.64 -12.17 -4.19
C ALA A 264 3.33 -12.63 -3.55
N HIS A 265 2.49 -13.37 -4.30
CA HIS A 265 1.15 -13.73 -3.80
C HIS A 265 1.25 -14.57 -2.54
N GLU A 266 2.35 -15.30 -2.40
CA GLU A 266 2.58 -16.13 -1.21
C GLU A 266 2.75 -15.35 0.09
N LEU A 267 3.20 -14.09 0.01
CA LEU A 267 3.23 -13.24 1.19
C LEU A 267 1.83 -13.15 1.85
N SER A 268 0.81 -13.01 1.01
CA SER A 268 -0.58 -12.99 1.45
C SER A 268 -1.02 -14.31 2.09
N ASP A 269 -0.48 -15.41 1.60
CA ASP A 269 -0.82 -16.72 2.09
C ASP A 269 -0.18 -16.94 3.48
N ILE A 270 0.93 -16.27 3.71
CA ILE A 270 1.75 -16.43 4.91
C ILE A 270 1.32 -15.52 6.05
N LEU A 271 0.79 -14.38 5.69
CA LEU A 271 0.33 -13.38 6.64
C LEU A 271 -0.63 -13.89 7.73
N PRO A 272 -1.54 -14.85 7.42
CA PRO A 272 -2.45 -15.31 8.51
C PRO A 272 -1.75 -15.83 9.73
N ARG A 273 -0.72 -16.63 9.51
CA ARG A 273 0.03 -17.24 10.63
C ARG A 273 1.00 -16.25 11.23
N VAL A 274 1.64 -15.44 10.40
CA VAL A 274 2.57 -14.40 10.94
C VAL A 274 1.84 -13.39 11.82
N TRP A 275 0.73 -12.84 11.34
CA TRP A 275 -0.08 -11.90 12.12
C TRP A 275 -0.48 -12.49 13.50
N LYS A 276 -0.89 -13.76 13.53
CA LYS A 276 -1.30 -14.43 14.76
C LYS A 276 -0.17 -14.40 15.84
N ARG A 277 1.08 -14.50 15.37
CA ARG A 277 2.28 -14.50 16.22
CA ARG A 277 2.22 -14.54 16.29
C ARG A 277 2.41 -13.22 17.04
N PHE A 278 1.92 -12.14 16.45
CA PHE A 278 2.00 -10.78 17.04
C PHE A 278 0.79 -10.40 17.88
N GLU A 279 -0.16 -11.33 18.03
CA GLU A 279 -1.37 -11.09 18.84
C GLU A 279 -1.11 -11.57 20.26
MG MG B . 5.96 -0.99 -7.10
P AMP C . 8.22 -2.73 -5.59
O1P AMP C . 7.66 -4.07 -6.11
O2P AMP C . 9.53 -2.49 -6.24
O3P AMP C . 7.19 -1.66 -5.70
O5' AMP C . 8.38 -2.97 -4.07
C5' AMP C . 9.36 -3.87 -3.60
C4' AMP C . 9.03 -4.26 -2.17
O4' AMP C . 9.94 -5.26 -1.70
C3' AMP C . 9.18 -3.16 -1.15
O3' AMP C . 8.28 -3.33 -0.04
C2' AMP C . 10.63 -3.27 -0.71
O2' AMP C . 10.92 -2.54 0.49
C1' AMP C . 10.77 -4.77 -0.62
N9 AMP C . 12.13 -5.22 -0.87
C8 AMP C . 12.75 -5.47 -2.05
N7 AMP C . 14.02 -5.93 -1.88
C5 AMP C . 14.21 -5.98 -0.55
C6 AMP C . 15.33 -6.37 0.34
N6 AMP C . 16.45 -6.75 -0.27
N1 AMP C . 15.13 -6.29 1.68
C2 AMP C . 13.97 -5.90 2.22
N3 AMP C . 12.90 -5.51 1.45
C4 AMP C . 12.98 -5.56 0.12
PA NAX D . 9.95 0.92 -12.93
O1A NAX D . 10.72 0.99 -14.22
O2A NAX D . 8.94 1.96 -12.68
O5B NAX D . 10.96 0.98 -11.69
C5B NAX D . 12.12 0.12 -11.52
C4B NAX D . 13.37 1.00 -11.49
O4B NAX D . 13.39 1.80 -10.30
C3B NAX D . 14.67 0.21 -11.45
O3B NAX D . 15.07 -0.10 -12.78
C2B NAX D . 15.61 1.14 -10.73
O2B NAX D . 16.00 2.18 -11.64
C1B NAX D . 14.69 1.77 -9.72
N9A NAX D . 14.61 1.09 -8.42
C8A NAX D . 13.55 0.44 -7.87
N7A NAX D . 13.86 -0.03 -6.65
C5A NAX D . 15.15 0.36 -6.39
C6A NAX D . 16.08 0.21 -5.25
N6A NAX D . 15.76 -0.43 -4.11
N1A NAX D . 17.31 0.74 -5.39
C2A NAX D . 17.68 1.40 -6.52
N3A NAX D . 16.90 1.61 -7.62
C4A NAX D . 15.63 1.08 -7.56
O3 NAX D . 9.32 -0.57 -12.91
PN NAX D . 8.33 -1.22 -11.80
O1N NAX D . 8.74 -1.03 -10.37
O2N NAX D . 8.26 -2.66 -12.28
O5D NAX D . 6.85 -0.53 -11.91
C5D NAX D . 6.30 -0.37 -13.24
C4D NAX D . 4.86 -0.88 -13.20
O4D NAX D . 4.89 -2.35 -13.28
C3D NAX D . 3.99 -0.49 -12.01
O3D NAX D . 2.63 -0.08 -12.39
C2D NAX D . 3.96 -1.74 -11.17
O2D NAX D . 2.80 -1.83 -10.28
C1D NAX D . 3.90 -2.76 -12.33
N1N NAX D . 4.18 -4.13 -11.93
C2N NAX D . 3.31 -5.04 -12.22
C3N NAX D . 3.48 -6.34 -12.05
C7N NAX D . 2.38 -7.29 -12.34
O7N NAX D . 1.28 -6.92 -12.84
N7N NAX D . 2.59 -8.57 -12.00
C4N NAX D . 4.81 -6.86 -11.42
C5N NAX D . 5.92 -5.86 -11.67
C6N NAX D . 5.43 -4.45 -11.26
O6N NAX D . 5.11 -4.48 -9.85
#